data_9BOI
#
_entry.id   9BOI
#
_cell.length_a   1.00
_cell.length_b   1.00
_cell.length_c   1.00
_cell.angle_alpha   90.00
_cell.angle_beta   90.00
_cell.angle_gamma   90.00
#
_symmetry.space_group_name_H-M   'P 1'
#
loop_
_entity.id
_entity.type
_entity.pdbx_description
1 polymer 'mVenus,Maltose/maltodextrin-binding periplasmic protein,Protein spinster homolog 1,Designed ankyrin repeat protein (DARPin)'
2 non-polymer '(4R,7R,18Z)-4,7-dihydroxy-N,N,N-trimethyl-10-oxo-3,5,9-trioxa-4-phosphaheptacos-18-en-1-aminium 4-oxide'
#
_entity_poly.entity_id   1
_entity_poly.type   'polypeptide(L)'
_entity_poly.pdbx_seq_one_letter_code
;MVSKGEELFTGVVPILVELDGDVNGHKFSVSGEGEGDATYGKLTLKLICTTGKLPVPWPTLVTTLGYGLQCFARYPDHMK
QHDFFKSAMPEGYVQERTIFFKDDGNYKTRAEVKFEGDTLVNRIELKGIDFKEDGNILGHKLEYNYNSHNVYITADKQKN
GIKANFKIRHNIEDGGVQLADHYQQNTPIGDGPVLLPDNHYLSYQSKLSKDPNEKRDHMVLLEFVTAAGITLGMDELYKL
EVLFQGPEEGKLVIWINGDKGYNGLAEVGKKFEKDTGIKVTVEHPDKLEEKFPQVAATGDGPDIIFWAHDRFGGYAQSGL
LAEITPDKAFQDKLYPFTWDAVRYNGKLIAYPIAVEALSLIYNKDLLPNPPKTWEEIPALDKELKAKGKSALMFNLQEPY
FTWPLIAADGGYAFKYENGKYDIKDVGVDNAGAKAGLTFLIDLIKNKHMNADTDYSIAEAAFNKGETAMTINGPWAWSNI
DTSKVNYGVTVLPTFKGQPSKPFVGVLSAGINAASPNKELAKEFLENYLLTDEGLEAVNKDKPLGAVALKSYEEELVKDP
RVAATMENAQKGEIMPNIPQMSAFWYAVRTAVINAASGRQTVDAALAAAQAEEEKRKAEEEKRKGRSALIVAVLCYINLL
NYMDRFTVAGVLPDIEQFFNIGDSSSGLIQTVFISSYMVLAPVFGYLGDRYNRKYLMCGGIAFWSLVTLGSSFIPGEHFW
LLLLTRGLVGVGEASYSTIAPTLIADLFVADQRSRMLSIFYFAIPVGSGLGYIAGSKVKDMAGDWHWALRVTPGLGVVAV
LLLFLVVREPPRGAVERHSDLPPLNPTSWWADLRALARNPSFVLSSLGFTAVAFVTGSLALWAPAFLLRSRVVLGETPPC
LPGDSCSSSDSLIFGLITCLTGVLGVGLGVEISRRLRHSNPRADPLVCATGLLGSAPFLFLSLACARGSIVATYIFIFIG
ETLLSMNWAIVADILLYVVIPTRRSTAEAFQIVLSHLLGDAGSPYLIGLISDRLRRNWPPSFLSEFRALQFSLMLCAFVG
ALGGAAFLGTAIFIEADRRRAQLHVQGLLHEAGSTDDRIVVPQRGRSTRVPVASVLIGGGGSGGGGSDLGRKLLEAARAG
QLDEVRILLANGADVNAADNTGTTPLHLAAYSGHLEIVEVLLKHGADVDASDVFGYTPLHLAAYWGHLEIVEVLLKNGAD
VNAMDSDGMTPLHLAAKWGYLEIVEVLLKHGADVNAQDKFGKTAFDISIDNGNEDLAEILQKLNSGRWSHPQFEK
;
_entity_poly.pdbx_strand_id   A
#
loop_
_chem_comp.id
_chem_comp.type
_chem_comp.name
_chem_comp.formula
42H non-polymer '(4R,7R,18Z)-4,7-dihydroxy-N,N,N-trimethyl-10-oxo-3,5,9-trioxa-4-phosphaheptacos-18-en-1-aminium 4-oxide' 'C26 H53 N O7 P 1'
#
# COMPACT_ATOMS: atom_id res chain seq x y z
N GLY A 625 -19.25 -7.39 -17.66
CA GLY A 625 -20.11 -8.12 -16.75
C GLY A 625 -19.35 -9.12 -15.90
N ARG A 626 -18.35 -9.76 -16.50
CA ARG A 626 -17.46 -10.66 -15.78
C ARG A 626 -16.27 -9.93 -15.17
N SER A 627 -15.83 -8.86 -15.81
CA SER A 627 -14.72 -8.07 -15.26
C SER A 627 -15.12 -7.36 -13.98
N ALA A 628 -16.41 -7.01 -13.83
CA ALA A 628 -16.87 -6.44 -12.57
C ALA A 628 -16.77 -7.46 -11.44
N LEU A 629 -17.10 -8.72 -11.71
CA LEU A 629 -16.96 -9.75 -10.70
C LEU A 629 -15.50 -10.05 -10.42
N ILE A 630 -14.63 -9.92 -11.43
CA ILE A 630 -13.19 -10.06 -11.19
C ILE A 630 -12.68 -8.95 -10.29
N VAL A 631 -13.16 -7.73 -10.50
CA VAL A 631 -12.77 -6.60 -9.65
C VAL A 631 -13.28 -6.80 -8.23
N ALA A 632 -14.49 -7.35 -8.08
CA ALA A 632 -15.01 -7.64 -6.75
C ALA A 632 -14.15 -8.69 -6.04
N VAL A 633 -13.75 -9.73 -6.77
CA VAL A 633 -12.90 -10.77 -6.19
C VAL A 633 -11.55 -10.19 -5.77
N LEU A 634 -10.96 -9.35 -6.62
CA LEU A 634 -9.65 -8.78 -6.30
C LEU A 634 -9.72 -7.80 -5.13
N CYS A 635 -10.80 -7.02 -5.05
CA CYS A 635 -10.99 -6.14 -3.90
C CYS A 635 -11.17 -6.91 -2.61
N TYR A 636 -11.91 -8.02 -2.66
CA TYR A 636 -12.07 -8.85 -1.47
C TYR A 636 -10.75 -9.46 -1.04
N ILE A 637 -9.96 -9.94 -1.99
CA ILE A 637 -8.68 -10.55 -1.64
C ILE A 637 -7.72 -9.48 -1.11
N ASN A 638 -7.81 -8.25 -1.60
CA ASN A 638 -6.97 -7.17 -1.06
C ASN A 638 -7.36 -6.84 0.38
N LEU A 639 -8.66 -6.77 0.65
CA LEU A 639 -9.13 -6.56 2.02
C LEU A 639 -8.64 -7.68 2.94
N LEU A 640 -8.75 -8.93 2.48
CA LEU A 640 -8.24 -10.06 3.26
C LEU A 640 -6.72 -9.96 3.45
N ASN A 641 -6.01 -9.50 2.42
CA ASN A 641 -4.56 -9.37 2.48
C ASN A 641 -4.15 -8.41 3.59
N TYR A 642 -4.75 -7.23 3.64
CA TYR A 642 -4.36 -6.28 4.68
C TYR A 642 -4.92 -6.67 6.05
N MET A 643 -6.06 -7.35 6.08
CA MET A 643 -6.57 -7.92 7.33
C MET A 643 -5.57 -8.88 7.94
N ASP A 644 -5.00 -9.77 7.11
CA ASP A 644 -4.00 -10.72 7.59
C ASP A 644 -2.68 -10.02 7.89
N ARG A 645 -2.43 -8.87 7.27
CA ARG A 645 -1.23 -8.11 7.62
C ARG A 645 -1.33 -7.51 9.02
N PHE A 646 -2.51 -7.03 9.41
CA PHE A 646 -2.65 -6.29 10.67
C PHE A 646 -3.28 -7.08 11.81
N THR A 647 -3.74 -8.31 11.56
CA THR A 647 -4.34 -9.10 12.63
C THR A 647 -3.33 -9.48 13.71
N VAL A 648 -2.04 -9.52 13.37
CA VAL A 648 -1.04 -9.81 14.39
C VAL A 648 -0.63 -8.54 15.13
N ALA A 649 -0.79 -7.37 14.52
CA ALA A 649 -0.57 -6.11 15.22
C ALA A 649 -1.71 -5.76 16.16
N GLY A 650 -2.91 -6.29 15.90
CA GLY A 650 -4.00 -6.06 16.83
C GLY A 650 -3.99 -6.94 18.07
N VAL A 651 -2.96 -7.76 18.25
CA VAL A 651 -2.90 -8.74 19.34
C VAL A 651 -1.54 -8.68 20.06
N LEU A 652 -0.76 -7.64 19.79
CA LEU A 652 0.66 -7.53 20.13
C LEU A 652 1.03 -7.65 21.62
N PRO A 653 0.30 -7.04 22.58
CA PRO A 653 0.76 -7.14 23.98
C PRO A 653 0.70 -8.54 24.54
N ASP A 654 -0.28 -9.35 24.15
CA ASP A 654 -0.32 -10.72 24.62
C ASP A 654 0.77 -11.57 23.97
N ILE A 655 1.19 -11.21 22.75
CA ILE A 655 2.36 -11.84 22.15
C ILE A 655 3.61 -11.48 22.94
N GLU A 656 3.73 -10.21 23.32
CA GLU A 656 4.89 -9.78 24.11
C GLU A 656 4.91 -10.44 25.48
N GLN A 657 3.74 -10.77 26.03
CA GLN A 657 3.69 -11.45 27.31
C GLN A 657 3.94 -12.95 27.17
N PHE A 658 3.49 -13.56 26.07
CA PHE A 658 3.52 -15.01 25.95
C PHE A 658 4.93 -15.54 25.75
N PHE A 659 5.71 -14.89 24.90
CA PHE A 659 7.05 -15.35 24.57
C PHE A 659 8.13 -14.71 25.44
N ASN A 660 7.73 -13.93 26.45
CA ASN A 660 8.65 -13.27 27.38
C ASN A 660 9.68 -12.41 26.64
N ILE A 661 9.17 -11.44 25.88
CA ILE A 661 10.02 -10.60 25.06
C ILE A 661 9.80 -9.14 25.44
N GLY A 662 10.78 -8.30 25.10
CA GLY A 662 10.76 -6.91 25.46
C GLY A 662 10.04 -6.05 24.45
N ASP A 663 10.65 -4.90 24.15
CA ASP A 663 10.04 -3.93 23.25
C ASP A 663 10.50 -4.17 21.81
N SER A 664 11.73 -4.61 21.61
CA SER A 664 12.31 -4.71 20.28
C SER A 664 11.73 -5.86 19.45
N SER A 665 11.11 -6.85 20.09
CA SER A 665 10.71 -8.04 19.35
C SER A 665 9.45 -7.84 18.51
N SER A 666 8.58 -6.91 18.90
CA SER A 666 7.46 -6.58 18.02
C SER A 666 7.94 -5.89 16.76
N GLY A 667 8.89 -4.96 16.91
CA GLY A 667 9.56 -4.39 15.75
C GLY A 667 10.31 -5.44 14.95
N LEU A 668 10.80 -6.49 15.61
CA LEU A 668 11.45 -7.57 14.89
C LEU A 668 10.44 -8.37 14.06
N ILE A 669 9.24 -8.58 14.59
CA ILE A 669 8.17 -9.23 13.84
C ILE A 669 7.85 -8.42 12.58
N GLN A 670 7.59 -7.12 12.75
CA GLN A 670 7.25 -6.27 11.61
C GLN A 670 8.41 -6.17 10.64
N THR A 671 9.64 -6.16 11.14
CA THR A 671 10.83 -6.06 10.29
C THR A 671 11.02 -7.33 9.48
N VAL A 672 10.81 -8.50 10.08
CA VAL A 672 10.91 -9.75 9.33
C VAL A 672 9.85 -9.80 8.24
N PHE A 673 8.62 -9.38 8.56
CA PHE A 673 7.57 -9.35 7.54
C PHE A 673 7.95 -8.45 6.37
N ILE A 674 8.31 -7.20 6.65
CA ILE A 674 8.59 -6.25 5.57
C ILE A 674 9.86 -6.64 4.82
N SER A 675 10.83 -7.24 5.49
CA SER A 675 12.06 -7.64 4.80
C SER A 675 11.80 -8.80 3.84
N SER A 676 11.04 -9.81 4.28
CA SER A 676 10.69 -10.90 3.36
C SER A 676 9.84 -10.38 2.21
N TYR A 677 8.93 -9.45 2.50
CA TYR A 677 8.11 -8.82 1.48
C TYR A 677 8.95 -8.12 0.42
N MET A 678 9.92 -7.30 0.86
CA MET A 678 10.75 -6.55 -0.09
C MET A 678 11.68 -7.46 -0.86
N VAL A 679 12.21 -8.51 -0.22
CA VAL A 679 13.13 -9.39 -0.93
C VAL A 679 12.40 -10.26 -1.94
N LEU A 680 11.17 -10.68 -1.64
CA LEU A 680 10.45 -11.56 -2.54
C LEU A 680 9.51 -10.82 -3.50
N ALA A 681 9.43 -9.50 -3.44
CA ALA A 681 8.65 -8.78 -4.46
C ALA A 681 9.29 -8.83 -5.85
N PRO A 682 10.61 -8.62 -6.04
CA PRO A 682 11.15 -8.73 -7.41
C PRO A 682 11.02 -10.11 -8.03
N VAL A 683 11.12 -11.18 -7.22
CA VAL A 683 11.01 -12.53 -7.76
C VAL A 683 9.61 -12.75 -8.34
N PHE A 684 8.58 -12.33 -7.61
CA PHE A 684 7.23 -12.51 -8.12
C PHE A 684 6.87 -11.51 -9.20
N GLY A 685 7.56 -10.37 -9.28
CA GLY A 685 7.42 -9.53 -10.45
C GLY A 685 7.97 -10.20 -11.71
N TYR A 686 9.18 -10.76 -11.60
CA TYR A 686 9.79 -11.48 -12.71
C TYR A 686 8.97 -12.70 -13.11
N LEU A 687 8.31 -13.34 -12.14
CA LEU A 687 7.47 -14.49 -12.47
C LEU A 687 6.12 -14.07 -13.07
N GLY A 688 5.52 -12.98 -12.59
CA GLY A 688 4.25 -12.54 -13.11
C GLY A 688 4.34 -11.86 -14.46
N ASP A 689 5.52 -11.40 -14.85
CA ASP A 689 5.68 -10.85 -16.19
C ASP A 689 5.72 -11.93 -17.28
N ARG A 690 5.98 -13.19 -16.91
CA ARG A 690 6.23 -14.22 -17.90
C ARG A 690 5.36 -15.46 -17.76
N TYR A 691 4.66 -15.66 -16.64
CA TYR A 691 3.90 -16.88 -16.44
C TYR A 691 2.46 -16.60 -16.04
N ASN A 692 1.74 -17.64 -15.65
CA ASN A 692 0.31 -17.50 -15.36
C ASN A 692 0.11 -16.70 -14.09
N ARG A 693 -0.44 -15.50 -14.22
CA ARG A 693 -0.60 -14.61 -13.07
C ARG A 693 -1.62 -15.17 -12.07
N LYS A 694 -2.69 -15.77 -12.58
CA LYS A 694 -3.73 -16.31 -11.70
C LYS A 694 -3.20 -17.50 -10.89
N TYR A 695 -2.34 -18.32 -11.49
CA TYR A 695 -1.79 -19.46 -10.77
C TYR A 695 -0.84 -18.99 -9.66
N LEU A 696 -0.01 -17.99 -9.94
CA LEU A 696 0.89 -17.46 -8.92
C LEU A 696 0.11 -16.79 -7.80
N MET A 697 -0.96 -16.07 -8.14
CA MET A 697 -1.78 -15.44 -7.11
C MET A 697 -2.47 -16.48 -6.23
N CYS A 698 -3.02 -17.54 -6.86
CA CYS A 698 -3.66 -18.61 -6.11
C CYS A 698 -2.67 -19.31 -5.19
N GLY A 699 -1.46 -19.57 -5.69
CA GLY A 699 -0.43 -20.17 -4.86
C GLY A 699 -0.04 -19.29 -3.68
N GLY A 700 0.10 -17.99 -3.92
CA GLY A 700 0.46 -17.08 -2.84
C GLY A 700 -0.61 -16.99 -1.76
N ILE A 701 -1.87 -16.91 -2.17
CA ILE A 701 -2.97 -16.83 -1.21
C ILE A 701 -3.06 -18.11 -0.39
N ALA A 702 -3.00 -19.26 -1.07
CA ALA A 702 -3.04 -20.53 -0.36
C ALA A 702 -1.87 -20.66 0.59
N PHE A 703 -0.70 -20.18 0.18
CA PHE A 703 0.48 -20.28 1.03
C PHE A 703 0.35 -19.43 2.29
N TRP A 704 -0.04 -18.16 2.15
CA TRP A 704 -0.06 -17.36 3.36
C TRP A 704 -1.22 -17.77 4.27
N SER A 705 -2.33 -18.25 3.70
CA SER A 705 -3.42 -18.73 4.55
C SER A 705 -3.01 -20.00 5.31
N LEU A 706 -2.33 -20.92 4.63
CA LEU A 706 -1.88 -22.14 5.29
C LEU A 706 -0.86 -21.84 6.38
N VAL A 707 0.08 -20.93 6.12
CA VAL A 707 1.08 -20.67 7.15
C VAL A 707 0.52 -19.83 8.28
N THR A 708 -0.53 -19.03 8.04
CA THR A 708 -1.20 -18.35 9.15
C THR A 708 -1.92 -19.36 10.05
N LEU A 709 -2.70 -20.26 9.44
CA LEU A 709 -3.39 -21.27 10.23
C LEU A 709 -2.41 -22.18 10.96
N GLY A 710 -1.24 -22.43 10.38
CA GLY A 710 -0.23 -23.19 11.10
C GLY A 710 0.47 -22.38 12.18
N SER A 711 0.60 -21.06 11.98
CA SER A 711 1.18 -20.19 12.98
C SER A 711 0.27 -20.00 14.18
N SER A 712 -1.02 -20.34 14.03
CA SER A 712 -1.90 -20.33 15.19
C SER A 712 -1.47 -21.29 16.29
N PHE A 713 -0.75 -22.37 15.95
CA PHE A 713 -0.46 -23.45 16.89
C PHE A 713 0.95 -23.40 17.47
N ILE A 714 1.57 -22.23 17.51
CA ILE A 714 2.96 -22.14 17.98
C ILE A 714 2.96 -22.10 19.50
N PRO A 715 3.71 -23.00 20.17
CA PRO A 715 3.84 -22.92 21.62
C PRO A 715 4.75 -21.77 22.03
N GLY A 716 4.84 -21.55 23.33
CA GLY A 716 5.58 -20.42 23.86
C GLY A 716 7.08 -20.59 23.96
N GLU A 717 7.59 -21.78 23.64
CA GLU A 717 9.03 -22.01 23.76
C GLU A 717 9.82 -21.40 22.61
N HIS A 718 9.21 -21.28 21.43
CA HIS A 718 9.91 -20.86 20.22
C HIS A 718 9.23 -19.62 19.64
N PHE A 719 9.94 -18.48 19.68
CA PHE A 719 9.48 -17.26 19.05
C PHE A 719 9.95 -17.15 17.60
N TRP A 720 11.07 -17.79 17.27
CA TRP A 720 11.56 -17.76 15.91
C TRP A 720 10.65 -18.51 14.94
N LEU A 721 9.81 -19.43 15.43
CA LEU A 721 8.76 -19.97 14.58
C LEU A 721 7.77 -18.90 14.17
N LEU A 722 7.40 -18.02 15.11
CA LEU A 722 6.51 -16.92 14.78
C LEU A 722 7.16 -15.98 13.79
N LEU A 723 8.46 -15.73 13.96
CA LEU A 723 9.19 -14.89 13.01
C LEU A 723 9.21 -15.51 11.62
N LEU A 724 9.48 -16.83 11.53
CA LEU A 724 9.53 -17.50 10.23
C LEU A 724 8.16 -17.50 9.56
N THR A 725 7.09 -17.71 10.33
CA THR A 725 5.76 -17.70 9.74
C THR A 725 5.38 -16.32 9.26
N ARG A 726 5.82 -15.27 9.96
CA ARG A 726 5.59 -13.92 9.47
C ARG A 726 6.37 -13.67 8.18
N GLY A 727 7.57 -14.24 8.07
CA GLY A 727 8.30 -14.14 6.81
C GLY A 727 7.60 -14.81 5.65
N LEU A 728 7.03 -16.00 5.89
CA LEU A 728 6.31 -16.70 4.83
C LEU A 728 5.01 -15.98 4.45
N VAL A 729 4.32 -15.40 5.42
CA VAL A 729 3.18 -14.54 5.13
C VAL A 729 3.62 -13.37 4.25
N GLY A 730 4.77 -12.79 4.55
CA GLY A 730 5.31 -11.72 3.73
C GLY A 730 5.60 -12.17 2.31
N VAL A 731 6.10 -13.39 2.14
CA VAL A 731 6.36 -13.93 0.81
C VAL A 731 5.07 -14.01 -0.01
N GLY A 732 4.04 -14.64 0.57
CA GLY A 732 2.77 -14.77 -0.14
C GLY A 732 2.13 -13.44 -0.47
N GLU A 733 2.13 -12.52 0.50
CA GLU A 733 1.55 -11.21 0.25
C GLU A 733 2.36 -10.40 -0.75
N ALA A 734 3.68 -10.60 -0.82
CA ALA A 734 4.47 -9.96 -1.85
C ALA A 734 4.07 -10.45 -3.23
N SER A 735 3.85 -11.76 -3.36
CA SER A 735 3.32 -12.33 -4.61
C SER A 735 2.04 -11.64 -5.04
N TYR A 736 1.03 -11.64 -4.16
CA TYR A 736 -0.26 -11.08 -4.53
C TYR A 736 -0.17 -9.59 -4.82
N SER A 737 0.53 -8.82 -3.97
CA SER A 737 0.56 -7.38 -4.13
C SER A 737 1.37 -6.95 -5.35
N THR A 738 2.33 -7.77 -5.77
CA THR A 738 3.06 -7.44 -6.99
C THR A 738 2.24 -7.76 -8.22
N ILE A 739 1.50 -8.88 -8.21
CA ILE A 739 0.85 -9.32 -9.43
C ILE A 739 -0.55 -8.72 -9.64
N ALA A 740 -1.30 -8.45 -8.56
CA ALA A 740 -2.73 -8.20 -8.69
C ALA A 740 -3.16 -6.98 -9.51
N PRO A 741 -2.53 -5.80 -9.41
CA PRO A 741 -3.06 -4.65 -10.18
C PRO A 741 -2.88 -4.77 -11.69
N THR A 742 -2.02 -5.67 -12.16
CA THR A 742 -1.85 -5.82 -13.60
C THR A 742 -3.09 -6.39 -14.27
N LEU A 743 -3.87 -7.19 -13.56
CA LEU A 743 -5.13 -7.69 -14.13
C LEU A 743 -6.12 -6.57 -14.32
N ILE A 744 -6.24 -5.68 -13.32
CA ILE A 744 -7.09 -4.51 -13.44
C ILE A 744 -6.60 -3.59 -14.54
N ALA A 745 -5.29 -3.55 -14.77
CA ALA A 745 -4.77 -2.80 -15.90
C ALA A 745 -5.17 -3.43 -17.23
N ASP A 746 -5.05 -4.76 -17.35
CA ASP A 746 -5.32 -5.45 -18.60
C ASP A 746 -6.81 -5.65 -18.88
N LEU A 747 -7.69 -5.34 -17.94
CA LEU A 747 -9.12 -5.55 -18.19
C LEU A 747 -9.86 -4.29 -18.60
N PHE A 748 -9.36 -3.10 -18.28
CA PHE A 748 -10.11 -1.87 -18.48
C PHE A 748 -9.26 -0.84 -19.21
N VAL A 749 -9.86 0.32 -19.43
CA VAL A 749 -9.20 1.46 -20.06
C VAL A 749 -9.28 2.65 -19.11
N ALA A 750 -8.80 3.82 -19.57
CA ALA A 750 -8.32 4.92 -18.73
C ALA A 750 -9.20 5.26 -17.53
N ASP A 751 -10.42 5.71 -17.77
CA ASP A 751 -11.28 6.13 -16.66
C ASP A 751 -11.79 4.93 -15.87
N GLN A 752 -12.11 3.83 -16.54
CA GLN A 752 -12.54 2.65 -15.82
C GLN A 752 -11.38 2.00 -15.08
N ARG A 753 -10.16 2.04 -15.64
CA ARG A 753 -8.98 1.64 -14.86
C ARG A 753 -8.84 2.48 -13.62
N SER A 754 -9.03 3.79 -13.75
CA SER A 754 -8.88 4.68 -12.60
C SER A 754 -9.90 4.35 -11.52
N ARG A 755 -11.14 4.06 -11.93
CA ARG A 755 -12.18 3.77 -10.94
C ARG A 755 -11.97 2.41 -10.27
N MET A 756 -11.54 1.40 -11.03
CA MET A 756 -11.32 0.10 -10.41
C MET A 756 -10.08 0.09 -9.52
N LEU A 757 -9.03 0.84 -9.87
CA LEU A 757 -7.94 1.02 -8.95
C LEU A 757 -8.36 1.81 -7.72
N SER A 758 -9.30 2.75 -7.89
CA SER A 758 -9.90 3.40 -6.72
C SER A 758 -10.56 2.40 -5.80
N ILE A 759 -11.22 1.38 -6.36
CA ILE A 759 -11.86 0.36 -5.52
C ILE A 759 -10.80 -0.50 -4.82
N PHE A 760 -9.75 -0.88 -5.53
CA PHE A 760 -8.62 -1.62 -4.95
C PHE A 760 -8.04 -0.90 -3.73
N TYR A 761 -7.74 0.38 -3.89
CA TYR A 761 -7.17 1.13 -2.78
C TYR A 761 -8.23 1.64 -1.80
N PHE A 762 -9.52 1.50 -2.12
CA PHE A 762 -10.57 1.53 -1.11
C PHE A 762 -10.47 0.31 -0.22
N ALA A 763 -10.06 -0.81 -0.80
CA ALA A 763 -10.00 -2.07 -0.06
C ALA A 763 -8.82 -2.13 0.90
N ILE A 764 -7.70 -1.48 0.58
CA ILE A 764 -6.53 -1.59 1.48
C ILE A 764 -6.76 -1.04 2.89
N PRO A 765 -7.25 0.21 3.10
CA PRO A 765 -7.23 0.74 4.49
C PRO A 765 -8.34 0.20 5.37
N VAL A 766 -9.54 -0.03 4.82
CA VAL A 766 -10.59 -0.74 5.54
C VAL A 766 -10.10 -2.11 5.94
N GLY A 767 -9.37 -2.78 5.05
CA GLY A 767 -8.80 -4.08 5.39
C GLY A 767 -7.87 -4.02 6.58
N SER A 768 -6.95 -3.03 6.58
CA SER A 768 -6.00 -2.92 7.68
C SER A 768 -6.70 -2.62 9.00
N GLY A 769 -7.57 -1.62 9.00
CA GLY A 769 -8.26 -1.25 10.24
C GLY A 769 -9.17 -2.35 10.76
N LEU A 770 -9.92 -3.00 9.87
CA LEU A 770 -10.82 -4.06 10.29
C LEU A 770 -10.04 -5.27 10.76
N GLY A 771 -8.86 -5.52 10.19
CA GLY A 771 -8.02 -6.60 10.68
C GLY A 771 -7.53 -6.35 12.09
N TYR A 772 -7.08 -5.11 12.36
CA TYR A 772 -6.70 -4.76 13.73
C TYR A 772 -7.85 -4.97 14.70
N ILE A 773 -9.02 -4.42 14.38
CA ILE A 773 -10.14 -4.48 15.33
C ILE A 773 -10.65 -5.91 15.47
N ALA A 774 -10.55 -6.73 14.43
CA ALA A 774 -11.03 -8.10 14.50
C ALA A 774 -10.10 -8.96 15.33
N GLY A 775 -8.79 -8.83 15.12
CA GLY A 775 -7.84 -9.52 15.98
C GLY A 775 -8.01 -9.16 17.44
N SER A 776 -8.15 -7.86 17.73
CA SER A 776 -8.31 -7.41 19.11
C SER A 776 -9.60 -7.96 19.74
N LYS A 777 -10.72 -7.89 19.02
CA LYS A 777 -11.99 -8.32 19.61
C LYS A 777 -12.05 -9.84 19.74
N VAL A 778 -11.47 -10.58 18.79
CA VAL A 778 -11.48 -12.04 18.89
C VAL A 778 -10.58 -12.49 20.03
N LYS A 779 -9.45 -11.81 20.26
CA LYS A 779 -8.63 -12.13 21.41
C LYS A 779 -9.34 -11.78 22.71
N ASP A 780 -10.11 -10.69 22.72
CA ASP A 780 -10.84 -10.31 23.93
C ASP A 780 -11.95 -11.31 24.24
N MET A 781 -12.60 -11.85 23.21
CA MET A 781 -13.74 -12.74 23.43
C MET A 781 -13.30 -14.17 23.72
N ALA A 782 -12.27 -14.66 23.01
CA ALA A 782 -11.88 -16.05 23.15
C ALA A 782 -10.97 -16.27 24.36
N GLY A 783 -10.16 -15.27 24.71
CA GLY A 783 -9.27 -15.37 25.85
C GLY A 783 -7.85 -15.80 25.52
N ASP A 784 -7.61 -16.35 24.34
CA ASP A 784 -6.28 -16.76 23.93
C ASP A 784 -5.85 -15.92 22.74
N TRP A 785 -4.58 -15.52 22.73
CA TRP A 785 -4.09 -14.69 21.63
C TRP A 785 -4.01 -15.44 20.32
N HIS A 786 -3.93 -16.78 20.36
CA HIS A 786 -3.84 -17.58 19.14
C HIS A 786 -5.05 -17.41 18.23
N TRP A 787 -6.21 -17.07 18.80
CA TRP A 787 -7.42 -16.99 17.99
C TRP A 787 -7.43 -15.76 17.09
N ALA A 788 -6.52 -14.81 17.30
CA ALA A 788 -6.41 -13.69 16.38
C ALA A 788 -5.88 -14.13 15.02
N LEU A 789 -5.13 -15.23 15.00
CA LEU A 789 -4.59 -15.74 13.74
C LEU A 789 -5.48 -16.83 13.16
N ARG A 790 -6.59 -17.14 13.81
CA ARG A 790 -7.45 -18.22 13.33
C ARG A 790 -8.67 -17.69 12.58
N VAL A 791 -8.88 -16.37 12.60
CA VAL A 791 -10.04 -15.81 11.93
C VAL A 791 -9.76 -15.62 10.44
N THR A 792 -8.55 -15.20 10.08
CA THR A 792 -8.23 -14.92 8.69
C THR A 792 -8.01 -16.14 7.78
N PRO A 793 -7.49 -17.31 8.22
CA PRO A 793 -7.28 -18.38 7.22
C PRO A 793 -8.56 -19.04 6.76
N GLY A 794 -9.66 -18.85 7.48
CA GLY A 794 -10.92 -19.39 7.03
C GLY A 794 -11.48 -18.66 5.82
N LEU A 795 -11.16 -17.37 5.70
CA LEU A 795 -11.58 -16.56 4.56
C LEU A 795 -10.54 -16.57 3.45
N GLY A 796 -9.68 -17.58 3.45
CA GLY A 796 -8.64 -17.68 2.45
C GLY A 796 -8.89 -18.78 1.44
N VAL A 797 -9.47 -19.88 1.89
CA VAL A 797 -9.87 -20.93 0.95
C VAL A 797 -11.02 -20.43 0.08
N VAL A 798 -11.84 -19.52 0.62
CA VAL A 798 -12.88 -18.89 -0.17
C VAL A 798 -12.27 -18.02 -1.27
N ALA A 799 -11.21 -17.29 -0.94
CA ALA A 799 -10.54 -16.47 -1.94
C ALA A 799 -9.85 -17.32 -3.00
N VAL A 800 -9.27 -18.45 -2.58
CA VAL A 800 -8.65 -19.37 -3.55
C VAL A 800 -9.71 -19.94 -4.50
N LEU A 801 -10.84 -20.38 -3.94
CA LEU A 801 -11.91 -20.92 -4.78
C LEU A 801 -12.47 -19.87 -5.73
N LEU A 802 -12.64 -18.64 -5.26
CA LEU A 802 -13.16 -17.58 -6.12
C LEU A 802 -12.16 -17.22 -7.22
N LEU A 803 -10.86 -17.18 -6.88
CA LEU A 803 -9.86 -16.88 -7.89
C LEU A 803 -9.72 -17.99 -8.90
N PHE A 804 -10.01 -19.23 -8.52
CA PHE A 804 -9.96 -20.32 -9.48
C PHE A 804 -11.19 -20.34 -10.37
N LEU A 805 -12.37 -20.17 -9.78
CA LEU A 805 -13.61 -20.30 -10.55
C LEU A 805 -13.90 -19.04 -11.38
N VAL A 806 -13.97 -17.89 -10.72
CA VAL A 806 -14.44 -16.66 -11.36
C VAL A 806 -13.39 -16.04 -12.26
N VAL A 807 -12.19 -15.79 -11.74
CA VAL A 807 -11.18 -15.04 -12.48
C VAL A 807 -10.63 -15.89 -13.61
N ARG A 808 -10.63 -15.34 -14.82
CA ARG A 808 -10.01 -15.95 -15.99
C ARG A 808 -8.85 -15.05 -16.43
N GLU A 809 -7.71 -15.67 -16.70
CA GLU A 809 -6.48 -14.92 -16.97
C GLU A 809 -6.58 -14.18 -18.30
N PRO A 810 -6.49 -12.85 -18.31
CA PRO A 810 -6.57 -12.10 -19.57
C PRO A 810 -5.20 -12.04 -20.23
N PRO A 811 -5.16 -11.78 -21.54
CA PRO A 811 -3.86 -11.58 -22.20
C PRO A 811 -3.18 -10.32 -21.71
N ARG A 812 -1.87 -10.28 -21.87
CA ARG A 812 -1.06 -9.15 -21.41
C ARG A 812 -1.32 -7.96 -22.33
N GLY A 813 -2.27 -7.12 -21.95
CA GLY A 813 -2.64 -5.98 -22.77
C GLY A 813 -3.71 -6.32 -23.78
N ALA A 814 -4.79 -6.94 -23.33
CA ALA A 814 -5.85 -7.35 -24.23
C ALA A 814 -6.67 -6.17 -24.71
N VAL A 815 -6.80 -5.12 -23.90
CA VAL A 815 -7.60 -3.97 -24.28
C VAL A 815 -6.77 -2.82 -24.86
N GLU A 816 -5.46 -2.81 -24.59
CA GLU A 816 -4.57 -1.82 -25.19
C GLU A 816 -4.07 -2.24 -26.56
N ARG A 817 -4.50 -3.39 -27.06
CA ARG A 817 -3.99 -3.93 -28.32
C ARG A 817 -5.05 -4.85 -28.93
N HIS A 818 -5.20 -4.76 -30.25
CA HIS A 818 -6.17 -5.58 -30.96
C HIS A 818 -5.80 -7.06 -30.88
N SER A 819 -6.81 -7.91 -31.06
CA SER A 819 -6.64 -9.34 -30.86
C SER A 819 -5.91 -10.03 -32.01
N ASP A 820 -5.92 -9.44 -33.21
CA ASP A 820 -5.34 -10.09 -34.38
C ASP A 820 -3.82 -10.14 -34.34
N LEU A 821 -3.18 -9.32 -33.51
CA LEU A 821 -1.74 -9.29 -33.45
C LEU A 821 -1.20 -10.49 -32.65
N PRO A 822 -0.01 -10.97 -32.98
CA PRO A 822 0.62 -11.98 -32.13
C PRO A 822 0.90 -11.41 -30.75
N PRO A 823 0.93 -12.26 -29.73
CA PRO A 823 1.15 -11.75 -28.37
C PRO A 823 2.57 -11.24 -28.19
N LEU A 824 2.69 -10.22 -27.34
CA LEU A 824 3.99 -9.58 -27.13
C LEU A 824 4.91 -10.49 -26.32
N ASN A 825 6.17 -10.55 -26.74
CA ASN A 825 7.13 -11.43 -26.08
C ASN A 825 7.89 -10.66 -24.99
N PRO A 826 8.03 -11.22 -23.80
CA PRO A 826 8.83 -10.56 -22.76
C PRO A 826 10.31 -10.73 -23.04
N THR A 827 11.05 -9.61 -23.03
CA THR A 827 12.48 -9.63 -23.28
C THR A 827 13.22 -9.99 -21.99
N SER A 828 14.54 -9.87 -22.02
CA SER A 828 15.36 -10.26 -20.88
C SER A 828 15.06 -9.37 -19.67
N TRP A 829 15.43 -9.87 -18.49
CA TRP A 829 15.14 -9.12 -17.27
C TRP A 829 16.07 -7.92 -17.11
N TRP A 830 17.33 -8.03 -17.54
CA TRP A 830 18.23 -6.89 -17.47
C TRP A 830 17.76 -5.78 -18.39
N ALA A 831 17.21 -6.14 -19.56
CA ALA A 831 16.60 -5.13 -20.43
C ALA A 831 15.41 -4.48 -19.76
N ASP A 832 14.61 -5.26 -19.03
CA ASP A 832 13.48 -4.70 -18.29
C ASP A 832 13.95 -3.72 -17.23
N LEU A 833 15.02 -4.04 -16.52
CA LEU A 833 15.51 -3.15 -15.47
C LEU A 833 16.11 -1.88 -16.06
N ARG A 834 16.86 -1.99 -17.15
CA ARG A 834 17.44 -0.79 -17.77
C ARG A 834 16.34 0.09 -18.36
N ALA A 835 15.31 -0.51 -18.95
CA ALA A 835 14.22 0.28 -19.52
C ALA A 835 13.37 0.92 -18.44
N LEU A 836 13.22 0.27 -17.28
CA LEU A 836 12.49 0.88 -16.17
C LEU A 836 13.31 1.92 -15.46
N ALA A 837 14.64 1.88 -15.59
CA ALA A 837 15.48 2.93 -15.02
C ALA A 837 15.73 4.08 -15.99
N ARG A 838 15.41 3.91 -17.28
CA ARG A 838 15.62 4.97 -18.24
C ARG A 838 14.40 5.85 -18.48
N ASN A 839 13.23 5.54 -17.88
CA ASN A 839 12.17 6.51 -18.09
C ASN A 839 11.96 7.34 -16.82
N PRO A 840 11.82 8.67 -16.93
CA PRO A 840 11.83 9.52 -15.74
C PRO A 840 10.47 9.68 -15.07
N SER A 841 9.39 9.48 -15.81
CA SER A 841 8.06 9.62 -15.23
C SER A 841 7.81 8.57 -14.15
N PHE A 842 8.12 7.31 -14.46
CA PHE A 842 7.89 6.24 -13.50
C PHE A 842 8.79 6.37 -12.28
N VAL A 843 10.07 6.69 -12.49
CA VAL A 843 11.00 6.83 -11.38
C VAL A 843 10.62 8.00 -10.48
N LEU A 844 10.21 9.13 -11.08
CA LEU A 844 9.88 10.30 -10.27
C LEU A 844 8.54 10.12 -9.56
N SER A 845 7.57 9.44 -10.17
CA SER A 845 6.34 9.14 -9.44
C SER A 845 6.61 8.13 -8.33
N SER A 846 7.55 7.20 -8.53
CA SER A 846 7.91 6.28 -7.46
C SER A 846 8.57 7.00 -6.29
N LEU A 847 9.41 8.00 -6.59
CA LEU A 847 10.04 8.77 -5.51
C LEU A 847 9.02 9.64 -4.78
N GLY A 848 8.07 10.21 -5.51
CA GLY A 848 7.00 10.96 -4.84
C GLY A 848 6.13 10.07 -3.97
N PHE A 849 5.81 8.87 -4.47
CA PHE A 849 5.04 7.91 -3.68
C PHE A 849 5.83 7.46 -2.45
N THR A 850 7.14 7.31 -2.58
CA THR A 850 7.99 6.97 -1.44
C THR A 850 7.94 8.06 -0.38
N ALA A 851 8.06 9.33 -0.81
CA ALA A 851 8.00 10.43 0.14
C ALA A 851 6.64 10.52 0.82
N VAL A 852 5.57 10.29 0.08
CA VAL A 852 4.23 10.30 0.65
C VAL A 852 4.08 9.18 1.68
N ALA A 853 4.56 7.97 1.35
CA ALA A 853 4.47 6.86 2.28
C ALA A 853 5.28 7.11 3.54
N PHE A 854 6.46 7.73 3.40
CA PHE A 854 7.28 8.08 4.56
C PHE A 854 6.56 9.08 5.45
N VAL A 855 5.96 10.11 4.85
CA VAL A 855 5.26 11.14 5.62
C VAL A 855 4.08 10.53 6.37
N THR A 856 3.27 9.72 5.69
CA THR A 856 2.11 9.12 6.33
C THR A 856 2.51 8.13 7.42
N GLY A 857 3.58 7.36 7.18
CA GLY A 857 4.02 6.41 8.19
C GLY A 857 4.56 7.09 9.44
N SER A 858 5.39 8.12 9.26
CA SER A 858 5.90 8.86 10.41
C SER A 858 4.77 9.56 11.16
N LEU A 859 3.79 10.11 10.42
CA LEU A 859 2.68 10.79 11.07
C LEU A 859 1.81 9.81 11.86
N ALA A 860 1.57 8.62 11.30
CA ALA A 860 0.76 7.63 12.01
C ALA A 860 1.51 7.08 13.22
N LEU A 861 2.85 7.06 13.15
CA LEU A 861 3.63 6.62 14.30
C LEU A 861 3.64 7.67 15.39
N TRP A 862 3.61 8.96 15.01
CA TRP A 862 3.84 10.02 15.98
C TRP A 862 2.54 10.54 16.59
N ALA A 863 1.45 10.52 15.83
CA ALA A 863 0.26 11.30 16.21
C ALA A 863 -0.44 10.86 17.49
N PRO A 864 -0.71 9.57 17.75
CA PRO A 864 -1.44 9.24 18.99
C PRO A 864 -0.68 9.60 20.26
N ALA A 865 0.64 9.39 20.26
CA ALA A 865 1.44 9.79 21.42
C ALA A 865 1.43 11.30 21.60
N PHE A 866 1.43 12.05 20.49
CA PHE A 866 1.36 13.51 20.58
C PHE A 866 0.04 13.97 21.16
N LEU A 867 -1.08 13.36 20.73
CA LEU A 867 -2.38 13.77 21.24
C LEU A 867 -2.54 13.37 22.71
N LEU A 868 -2.03 12.20 23.09
CA LEU A 868 -2.05 11.81 24.49
C LEU A 868 -1.24 12.77 25.35
N ARG A 869 -0.03 13.13 24.90
CA ARG A 869 0.80 14.04 25.67
C ARG A 869 0.20 15.44 25.73
N SER A 870 -0.53 15.83 24.67
CA SER A 870 -1.24 17.11 24.68
C SER A 870 -2.35 17.10 25.72
N ARG A 871 -3.07 15.97 25.82
CA ARG A 871 -4.09 15.87 26.87
C ARG A 871 -3.47 15.64 28.25
N VAL A 872 -2.21 15.19 28.29
CA VAL A 872 -1.50 15.14 29.57
C VAL A 872 -1.16 16.54 30.05
N VAL A 873 -0.68 17.39 29.15
CA VAL A 873 -0.31 18.76 29.52
C VAL A 873 -1.55 19.56 29.91
N LEU A 874 -2.63 19.42 29.14
CA LEU A 874 -3.88 20.10 29.47
C LEU A 874 -4.49 19.54 30.76
N GLY A 875 -4.36 18.24 30.99
CA GLY A 875 -4.85 17.61 32.20
C GLY A 875 -6.07 16.72 32.01
N GLU A 876 -6.45 16.42 30.78
CA GLU A 876 -7.63 15.57 30.56
C GLU A 876 -7.33 14.12 30.92
N THR A 877 -6.19 13.60 30.49
CA THR A 877 -5.81 12.22 30.74
C THR A 877 -4.45 12.21 31.45
N PRO A 878 -4.36 11.57 32.63
CA PRO A 878 -3.10 11.50 33.38
C PRO A 878 -2.06 10.60 32.70
N SER A 887 -4.33 4.17 26.31
CA SER A 887 -4.22 4.38 24.88
C SER A 887 -5.25 3.54 24.13
N SER A 888 -6.52 3.69 24.49
CA SER A 888 -7.60 2.94 23.86
C SER A 888 -8.57 3.85 23.11
N SER A 889 -9.14 4.85 23.79
CA SER A 889 -10.17 5.68 23.16
C SER A 889 -9.57 6.58 22.08
N ASP A 890 -8.49 7.29 22.40
CA ASP A 890 -7.80 8.09 21.39
C ASP A 890 -7.26 7.23 20.25
N SER A 891 -6.81 6.01 20.56
CA SER A 891 -6.31 5.12 19.52
C SER A 891 -7.41 4.69 18.57
N LEU A 892 -8.59 4.33 19.09
CA LEU A 892 -9.67 3.91 18.19
C LEU A 892 -10.23 5.10 17.42
N ILE A 893 -10.24 6.29 18.04
CA ILE A 893 -10.68 7.48 17.32
C ILE A 893 -9.73 7.80 16.17
N PHE A 894 -8.42 7.73 16.42
CA PHE A 894 -7.46 7.98 15.34
C PHE A 894 -7.49 6.88 14.29
N GLY A 895 -7.82 5.65 14.68
CA GLY A 895 -7.97 4.59 13.68
C GLY A 895 -9.16 4.80 12.77
N LEU A 896 -10.30 5.18 13.35
CA LEU A 896 -11.46 5.55 12.55
C LEU A 896 -11.13 6.71 11.62
N ILE A 897 -10.39 7.70 12.13
CA ILE A 897 -10.03 8.86 11.32
C ILE A 897 -9.13 8.43 10.16
N THR A 898 -8.14 7.58 10.43
CA THR A 898 -7.23 7.13 9.37
C THR A 898 -7.97 6.35 8.30
N CYS A 899 -8.88 5.45 8.71
CA CYS A 899 -9.64 4.66 7.72
C CYS A 899 -10.55 5.54 6.88
N LEU A 900 -11.28 6.46 7.52
CA LEU A 900 -12.21 7.32 6.77
C LEU A 900 -11.46 8.25 5.83
N THR A 901 -10.35 8.84 6.27
CA THR A 901 -9.58 9.68 5.36
C THR A 901 -8.92 8.86 4.26
N GLY A 902 -8.57 7.60 4.52
CA GLY A 902 -8.03 6.78 3.44
C GLY A 902 -9.02 6.58 2.32
N VAL A 903 -10.24 6.17 2.67
CA VAL A 903 -11.23 5.92 1.63
C VAL A 903 -11.67 7.24 0.96
N LEU A 904 -11.84 8.30 1.75
CA LEU A 904 -12.23 9.57 1.16
C LEU A 904 -11.12 10.15 0.29
N GLY A 905 -9.86 9.93 0.66
CA GLY A 905 -8.77 10.43 -0.15
C GLY A 905 -8.65 9.72 -1.47
N VAL A 906 -8.74 8.38 -1.45
CA VAL A 906 -8.69 7.64 -2.72
C VAL A 906 -9.83 8.06 -3.63
N GLY A 907 -11.04 8.18 -3.07
CA GLY A 907 -12.19 8.57 -3.89
C GLY A 907 -12.05 9.97 -4.47
N LEU A 908 -11.70 10.95 -3.63
CA LEU A 908 -11.61 12.33 -4.10
C LEU A 908 -10.46 12.50 -5.09
N GLY A 909 -9.35 11.80 -4.88
CA GLY A 909 -8.23 11.91 -5.81
C GLY A 909 -8.59 11.38 -7.18
N VAL A 910 -9.21 10.21 -7.23
CA VAL A 910 -9.63 9.67 -8.52
C VAL A 910 -10.67 10.56 -9.17
N GLU A 911 -11.58 11.14 -8.39
CA GLU A 911 -12.62 12.00 -8.97
C GLU A 911 -12.02 13.27 -9.56
N ILE A 912 -11.13 13.95 -8.83
CA ILE A 912 -10.56 15.19 -9.32
C ILE A 912 -9.64 14.92 -10.51
N SER A 913 -8.88 13.82 -10.49
CA SER A 913 -8.01 13.51 -11.62
C SER A 913 -8.81 13.17 -12.86
N ARG A 914 -9.92 12.44 -12.70
CA ARG A 914 -10.76 12.10 -13.85
C ARG A 914 -11.47 13.35 -14.40
N ARG A 915 -11.86 14.27 -13.51
CA ARG A 915 -12.44 15.52 -13.99
C ARG A 915 -11.44 16.35 -14.76
N LEU A 916 -10.25 16.57 -14.21
CA LEU A 916 -9.27 17.48 -14.80
C LEU A 916 -8.48 16.87 -15.96
N ARG A 917 -8.50 15.55 -16.12
CA ARG A 917 -7.60 14.91 -17.09
C ARG A 917 -7.98 15.26 -18.52
N HIS A 918 -9.28 15.44 -18.79
CA HIS A 918 -9.71 15.70 -20.16
C HIS A 918 -9.20 17.03 -20.69
N SER A 919 -9.14 18.05 -19.84
CA SER A 919 -8.65 19.36 -20.26
C SER A 919 -7.16 19.55 -20.06
N ASN A 920 -6.50 18.59 -19.40
CA ASN A 920 -5.06 18.66 -19.15
C ASN A 920 -4.51 17.24 -19.04
N PRO A 921 -3.67 16.80 -19.99
CA PRO A 921 -3.19 15.42 -19.96
C PRO A 921 -2.17 15.14 -18.86
N ARG A 922 -1.57 16.18 -18.28
CA ARG A 922 -0.61 16.05 -17.18
C ARG A 922 -1.25 16.34 -15.84
N ALA A 923 -2.51 15.93 -15.64
CA ALA A 923 -3.24 16.34 -14.45
C ALA A 923 -3.07 15.37 -13.29
N ASP A 924 -2.74 14.11 -13.56
CA ASP A 924 -2.60 13.15 -12.46
C ASP A 924 -1.45 13.50 -11.51
N PRO A 925 -0.21 13.70 -11.96
CA PRO A 925 0.84 14.07 -10.99
C PRO A 925 0.69 15.47 -10.44
N LEU A 926 0.06 16.37 -11.19
CA LEU A 926 -0.22 17.70 -10.64
C LEU A 926 -1.21 17.63 -9.49
N VAL A 927 -2.23 16.76 -9.61
CA VAL A 927 -3.18 16.58 -8.53
C VAL A 927 -2.52 15.88 -7.34
N CYS A 928 -1.61 14.94 -7.62
CA CYS A 928 -0.81 14.34 -6.55
C CYS A 928 -0.01 15.39 -5.78
N ALA A 929 0.70 16.26 -6.51
CA ALA A 929 1.52 17.28 -5.87
C ALA A 929 0.66 18.30 -5.13
N THR A 930 -0.50 18.64 -5.68
CA THR A 930 -1.41 19.56 -4.98
C THR A 930 -1.92 18.94 -3.69
N GLY A 931 -2.28 17.65 -3.73
CA GLY A 931 -2.68 16.96 -2.52
C GLY A 931 -1.59 16.96 -1.46
N LEU A 932 -0.36 16.61 -1.85
CA LEU A 932 0.72 16.54 -0.88
C LEU A 932 1.03 17.93 -0.30
N LEU A 933 1.27 18.91 -1.16
CA LEU A 933 1.66 20.24 -0.71
C LEU A 933 0.49 21.05 -0.16
N GLY A 934 -0.73 20.55 -0.25
CA GLY A 934 -1.86 21.19 0.40
C GLY A 934 -2.25 20.47 1.68
N SER A 935 -1.76 19.24 1.82
CA SER A 935 -1.86 18.55 3.10
C SER A 935 -0.80 19.04 4.07
N ALA A 936 0.37 19.43 3.55
CA ALA A 936 1.43 19.97 4.40
C ALA A 936 1.01 21.12 5.30
N PRO A 937 0.32 22.17 4.84
CA PRO A 937 0.01 23.28 5.78
C PRO A 937 -1.05 22.94 6.80
N PHE A 938 -1.97 22.02 6.51
CA PHE A 938 -2.97 21.63 7.50
C PHE A 938 -2.32 20.93 8.69
N LEU A 939 -1.44 19.96 8.41
CA LEU A 939 -0.68 19.32 9.47
C LEU A 939 0.29 20.30 10.14
N PHE A 940 0.81 21.26 9.39
CA PHE A 940 1.73 22.24 9.97
C PHE A 940 1.01 23.18 10.93
N LEU A 941 -0.27 23.45 10.69
CA LEU A 941 -1.06 24.31 11.55
C LEU A 941 -1.75 23.54 12.67
N SER A 942 -1.90 22.22 12.51
CA SER A 942 -2.50 21.42 13.58
C SER A 942 -1.63 21.41 14.83
N LEU A 943 -0.31 21.43 14.68
CA LEU A 943 0.58 21.49 15.84
C LEU A 943 0.41 22.79 16.60
N ALA A 944 0.24 23.91 15.89
CA ALA A 944 0.00 25.18 16.57
C ALA A 944 -1.39 25.25 17.19
N CYS A 945 -2.37 24.62 16.56
CA CYS A 945 -3.74 24.65 17.07
C CYS A 945 -3.94 23.70 18.24
N ALA A 946 -3.08 22.69 18.39
CA ALA A 946 -3.28 21.66 19.41
C ALA A 946 -3.19 22.22 20.82
N ARG A 947 -2.55 23.38 21.01
CA ARG A 947 -2.48 23.99 22.33
C ARG A 947 -3.86 24.46 22.80
N GLY A 948 -4.65 25.04 21.90
CA GLY A 948 -5.93 25.60 22.28
C GLY A 948 -7.03 24.59 22.51
N SER A 949 -7.41 23.87 21.45
CA SER A 949 -8.52 22.91 21.52
C SER A 949 -8.06 21.58 20.96
N ILE A 950 -8.98 20.62 20.94
CA ILE A 950 -8.70 19.27 20.47
C ILE A 950 -9.55 18.97 19.24
N VAL A 951 -10.79 19.47 19.22
CA VAL A 951 -11.71 19.17 18.13
C VAL A 951 -11.21 19.80 16.82
N ALA A 952 -10.68 21.01 16.89
CA ALA A 952 -10.15 21.66 15.69
C ALA A 952 -8.91 20.93 15.19
N THR A 953 -8.10 20.39 16.09
CA THR A 953 -6.94 19.60 15.67
C THR A 953 -7.37 18.31 14.99
N TYR A 954 -8.38 17.64 15.55
CA TYR A 954 -8.93 16.44 14.92
C TYR A 954 -9.47 16.76 13.53
N ILE A 955 -10.19 17.87 13.39
CA ILE A 955 -10.75 18.25 12.11
C ILE A 955 -9.64 18.57 11.09
N PHE A 956 -8.59 19.26 11.54
CA PHE A 956 -7.53 19.63 10.61
C PHE A 956 -6.72 18.43 10.18
N ILE A 957 -6.49 17.47 11.08
CA ILE A 957 -5.81 16.24 10.70
C ILE A 957 -6.68 15.43 9.74
N PHE A 958 -8.00 15.40 9.98
CA PHE A 958 -8.92 14.74 9.06
C PHE A 958 -8.89 15.38 7.68
N ILE A 959 -8.70 16.70 7.62
CA ILE A 959 -8.64 17.37 6.31
C ILE A 959 -7.29 17.12 5.64
N GLY A 960 -6.22 17.03 6.41
CA GLY A 960 -4.90 16.83 5.80
C GLY A 960 -4.69 15.41 5.29
N GLU A 961 -5.24 14.42 5.99
CA GLU A 961 -4.99 13.04 5.61
C GLU A 961 -5.66 12.66 4.29
N THR A 962 -6.78 13.32 3.95
CA THR A 962 -7.44 13.08 2.67
C THR A 962 -6.53 13.48 1.49
N LEU A 963 -5.97 14.69 1.58
CA LEU A 963 -5.01 15.16 0.60
C LEU A 963 -3.72 14.36 0.62
N LEU A 964 -3.39 13.74 1.75
CA LEU A 964 -2.26 12.81 1.77
C LEU A 964 -2.60 11.50 1.07
N SER A 965 -3.87 11.11 1.06
CA SER A 965 -4.26 9.76 0.63
C SER A 965 -4.77 9.68 -0.81
N MET A 966 -4.94 10.80 -1.51
CA MET A 966 -5.25 10.72 -2.96
C MET A 966 -4.16 9.99 -3.77
N ASN A 967 -2.92 10.05 -3.28
CA ASN A 967 -1.77 9.69 -4.07
C ASN A 967 -1.66 8.20 -4.35
N TRP A 968 -2.25 7.33 -3.52
CA TRP A 968 -2.14 5.90 -3.75
C TRP A 968 -2.73 5.51 -5.10
N ALA A 969 -4.01 5.80 -5.30
CA ALA A 969 -4.67 5.46 -6.54
C ALA A 969 -4.12 6.26 -7.71
N ILE A 970 -3.79 7.55 -7.50
CA ILE A 970 -3.31 8.28 -8.68
C ILE A 970 -1.92 7.80 -9.12
N VAL A 971 -1.06 7.40 -8.17
CA VAL A 971 0.26 6.88 -8.53
C VAL A 971 0.15 5.50 -9.15
N ALA A 972 -0.80 4.68 -8.69
CA ALA A 972 -1.03 3.39 -9.33
C ALA A 972 -1.44 3.56 -10.78
N ASP A 973 -2.30 4.54 -11.06
CA ASP A 973 -2.68 4.82 -12.46
C ASP A 973 -1.47 5.28 -13.28
N ILE A 974 -0.71 6.25 -12.74
CA ILE A 974 0.45 6.79 -13.45
C ILE A 974 1.45 5.70 -13.77
N LEU A 975 1.60 4.72 -12.86
CA LEU A 975 2.42 3.56 -13.18
C LEU A 975 1.79 2.76 -14.32
N LEU A 976 0.49 2.49 -14.22
CA LEU A 976 -0.11 1.53 -15.14
C LEU A 976 -0.40 2.09 -16.53
N TYR A 977 -0.07 3.35 -16.84
CA TYR A 977 -0.12 3.74 -18.25
C TYR A 977 1.20 4.21 -18.84
N VAL A 978 2.29 4.28 -18.08
CA VAL A 978 3.58 4.66 -18.65
C VAL A 978 4.50 3.47 -18.86
N VAL A 979 4.07 2.27 -18.50
CA VAL A 979 4.91 1.07 -18.56
C VAL A 979 4.29 0.07 -19.51
N ILE A 980 5.13 -0.62 -20.28
CA ILE A 980 4.69 -1.63 -21.25
C ILE A 980 4.05 -2.79 -20.50
N PRO A 981 2.99 -3.43 -21.02
CA PRO A 981 2.36 -4.55 -20.30
C PRO A 981 3.25 -5.77 -20.09
N THR A 982 4.46 -5.80 -20.65
CA THR A 982 5.41 -6.84 -20.32
C THR A 982 6.43 -6.38 -19.28
N ARG A 983 6.17 -5.27 -18.60
CA ARG A 983 7.04 -4.76 -17.56
C ARG A 983 6.28 -4.21 -16.36
N ARG A 984 4.95 -4.37 -16.31
CA ARG A 984 4.19 -3.76 -15.24
C ARG A 984 4.41 -4.46 -13.90
N SER A 985 4.61 -5.78 -13.92
CA SER A 985 4.87 -6.49 -12.67
C SER A 985 6.24 -6.14 -12.12
N THR A 986 7.23 -5.98 -13.00
CA THR A 986 8.55 -5.53 -12.55
C THR A 986 8.51 -4.08 -12.07
N ALA A 987 7.67 -3.25 -12.68
CA ALA A 987 7.50 -1.88 -12.19
C ALA A 987 6.86 -1.85 -10.81
N GLU A 988 5.83 -2.68 -10.60
CA GLU A 988 5.22 -2.79 -9.27
C GLU A 988 6.20 -3.32 -8.24
N ALA A 989 7.04 -4.27 -8.64
CA ALA A 989 8.03 -4.82 -7.71
C ALA A 989 9.09 -3.79 -7.34
N PHE A 990 9.58 -3.04 -8.33
CA PHE A 990 10.57 -1.99 -8.04
C PHE A 990 9.96 -0.88 -7.20
N GLN A 991 8.70 -0.53 -7.46
CA GLN A 991 8.04 0.49 -6.65
C GLN A 991 7.83 0.02 -5.22
N ILE A 992 7.44 -1.24 -5.04
CA ILE A 992 7.28 -1.81 -3.70
C ILE A 992 8.61 -1.79 -2.96
N VAL A 993 9.68 -2.23 -3.62
CA VAL A 993 11.00 -2.27 -2.99
C VAL A 993 11.45 -0.87 -2.59
N LEU A 994 11.38 0.08 -3.51
CA LEU A 994 11.85 1.44 -3.24
C LEU A 994 11.01 2.09 -2.14
N SER A 995 9.69 2.03 -2.27
CA SER A 995 8.81 2.66 -1.28
C SER A 995 8.99 2.07 0.10
N HIS A 996 8.92 0.74 0.22
CA HIS A 996 9.00 0.12 1.53
C HIS A 996 10.39 0.30 2.14
N LEU A 997 11.44 0.20 1.33
CA LEU A 997 12.79 0.44 1.81
C LEU A 997 12.92 1.85 2.38
N LEU A 998 12.80 2.86 1.51
CA LEU A 998 13.09 4.22 1.93
C LEU A 998 12.03 4.79 2.87
N GLY A 999 10.89 4.13 3.05
CA GLY A 999 9.94 4.57 4.05
C GLY A 999 10.07 3.86 5.38
N ASP A 1000 10.02 2.53 5.37
CA ASP A 1000 9.92 1.76 6.60
C ASP A 1000 11.26 1.32 7.16
N ALA A 1001 12.34 1.37 6.39
CA ALA A 1001 13.66 1.26 7.00
C ALA A 1001 14.16 2.61 7.48
N GLY A 1002 13.49 3.69 7.11
CA GLY A 1002 13.89 5.03 7.49
C GLY A 1002 13.12 5.62 8.65
N SER A 1003 11.78 5.52 8.64
CA SER A 1003 11.00 6.22 9.65
C SER A 1003 11.19 5.65 11.06
N PRO A 1004 10.98 4.35 11.35
CA PRO A 1004 11.19 3.90 12.73
C PRO A 1004 12.65 3.80 13.13
N TYR A 1005 13.57 3.95 12.17
CA TYR A 1005 15.00 3.88 12.47
C TYR A 1005 15.67 5.24 12.56
N LEU A 1006 15.17 6.25 11.86
CA LEU A 1006 15.77 7.57 11.88
C LEU A 1006 14.91 8.62 12.59
N ILE A 1007 13.58 8.49 12.52
CA ILE A 1007 12.72 9.41 13.26
C ILE A 1007 12.91 9.23 14.76
N GLY A 1008 13.00 7.97 15.21
CA GLY A 1008 13.27 7.72 16.62
C GLY A 1008 14.68 8.06 17.03
N LEU A 1009 15.62 8.03 16.07
CA LEU A 1009 17.00 8.40 16.37
C LEU A 1009 17.15 9.90 16.53
N ILE A 1010 16.53 10.68 15.63
CA ILE A 1010 16.66 12.13 15.69
C ILE A 1010 15.70 12.72 16.71
N SER A 1011 14.67 11.95 17.13
CA SER A 1011 13.71 12.46 18.10
C SER A 1011 14.27 12.40 19.51
N ASP A 1012 14.85 11.27 19.89
CA ASP A 1012 15.42 11.13 21.23
C ASP A 1012 16.72 11.91 21.35
N LEU A 1029 11.29 17.93 19.60
CA LEU A 1029 10.33 17.16 18.82
C LEU A 1029 9.97 17.90 17.53
N GLN A 1030 10.60 19.05 17.32
CA GLN A 1030 10.28 19.87 16.15
C GLN A 1030 11.16 19.55 14.96
N PHE A 1031 12.36 19.02 15.19
CA PHE A 1031 13.25 18.72 14.06
C PHE A 1031 12.76 17.51 13.28
N SER A 1032 12.12 16.55 13.95
CA SER A 1032 11.49 15.45 13.23
C SER A 1032 10.36 15.94 12.33
N LEU A 1033 9.55 16.89 12.80
CA LEU A 1033 8.51 17.47 11.96
C LEU A 1033 9.08 18.29 10.83
N MET A 1034 10.20 18.98 11.06
CA MET A 1034 10.86 19.71 9.98
C MET A 1034 11.42 18.76 8.92
N LEU A 1035 11.96 17.61 9.34
CA LEU A 1035 12.42 16.61 8.38
C LEU A 1035 11.25 16.03 7.60
N CYS A 1036 10.11 15.80 8.28
CA CYS A 1036 8.91 15.35 7.60
C CYS A 1036 8.44 16.36 6.56
N ALA A 1037 8.47 17.65 6.90
CA ALA A 1037 8.05 18.68 5.97
C ALA A 1037 9.01 18.80 4.79
N PHE A 1038 10.31 18.63 5.05
CA PHE A 1038 11.29 18.68 3.97
C PHE A 1038 11.11 17.51 3.01
N VAL A 1039 10.85 16.32 3.54
CA VAL A 1039 10.60 15.16 2.68
C VAL A 1039 9.29 15.34 1.91
N GLY A 1040 8.28 15.92 2.54
CA GLY A 1040 7.05 16.21 1.83
C GLY A 1040 7.23 17.21 0.69
N ALA A 1041 8.02 18.25 0.90
CA ALA A 1041 8.31 19.19 -0.17
C ALA A 1041 9.11 18.55 -1.29
N LEU A 1042 10.05 17.67 -0.94
CA LEU A 1042 10.80 16.94 -1.97
C LEU A 1042 9.87 16.02 -2.76
N GLY A 1043 8.89 15.40 -2.11
CA GLY A 1043 7.94 14.58 -2.83
C GLY A 1043 7.04 15.40 -3.74
N GLY A 1044 6.66 16.60 -3.31
CA GLY A 1044 5.91 17.49 -4.19
C GLY A 1044 6.71 17.91 -5.40
N ALA A 1045 8.00 18.22 -5.21
CA ALA A 1045 8.87 18.51 -6.34
C ALA A 1045 9.01 17.30 -7.26
N ALA A 1046 9.04 16.09 -6.69
CA ALA A 1046 9.14 14.89 -7.51
C ALA A 1046 7.87 14.68 -8.34
N PHE A 1047 6.71 15.02 -7.77
CA PHE A 1047 5.47 14.89 -8.54
C PHE A 1047 5.36 15.95 -9.62
N LEU A 1048 5.84 17.16 -9.39
CA LEU A 1048 5.93 18.14 -10.47
C LEU A 1048 6.88 17.67 -11.57
N GLY A 1049 8.04 17.11 -11.19
CA GLY A 1049 8.94 16.54 -12.17
C GLY A 1049 8.32 15.39 -12.95
N THR A 1050 7.43 14.63 -12.32
CA THR A 1050 6.64 13.65 -13.05
C THR A 1050 5.73 14.34 -14.04
N ALA A 1051 5.15 15.48 -13.64
CA ALA A 1051 4.22 16.20 -14.52
C ALA A 1051 4.92 16.77 -15.74
N ILE A 1052 6.22 17.03 -15.65
CA ILE A 1052 6.94 17.51 -16.83
C ILE A 1052 7.06 16.43 -17.89
N PHE A 1053 7.28 15.18 -17.47
CA PHE A 1053 7.64 14.10 -18.38
C PHE A 1053 6.51 13.11 -18.66
N ILE A 1054 5.29 13.36 -18.16
CA ILE A 1054 4.27 12.33 -18.25
C ILE A 1054 3.74 12.17 -19.67
N GLU A 1055 3.70 13.25 -20.45
CA GLU A 1055 3.16 13.19 -21.81
C GLU A 1055 4.06 12.36 -22.72
N ALA A 1056 5.35 12.69 -22.76
CA ALA A 1056 6.28 11.97 -23.62
C ALA A 1056 6.38 10.50 -23.25
N ASP A 1057 6.36 10.19 -21.96
CA ASP A 1057 6.52 8.81 -21.53
C ASP A 1057 5.25 7.99 -21.80
N ARG A 1058 4.08 8.60 -21.58
CA ARG A 1058 2.85 7.90 -21.94
C ARG A 1058 2.77 7.65 -23.44
N ARG A 1059 3.16 8.64 -24.24
CA ARG A 1059 3.14 8.48 -25.70
C ARG A 1059 4.11 7.39 -26.15
N ARG A 1060 5.33 7.39 -25.58
CA ARG A 1060 6.31 6.37 -25.95
C ARG A 1060 5.85 4.97 -25.57
N ALA A 1061 5.25 4.83 -24.38
CA ALA A 1061 4.75 3.52 -23.97
C ALA A 1061 3.59 3.05 -24.84
N GLN A 1062 2.65 3.95 -25.15
CA GLN A 1062 1.48 3.54 -25.92
C GLN A 1062 1.85 3.29 -27.38
N LEU A 1063 2.93 3.90 -27.87
CA LEU A 1063 3.41 3.56 -29.20
C LEU A 1063 4.18 2.25 -29.20
N HIS A 1064 4.88 1.94 -28.10
CA HIS A 1064 5.52 0.64 -27.97
C HIS A 1064 4.50 -0.49 -27.90
N VAL A 1065 3.33 -0.22 -27.30
CA VAL A 1065 2.27 -1.22 -27.28
C VAL A 1065 1.76 -1.51 -28.68
N GLN A 1066 1.54 -0.46 -29.48
CA GLN A 1066 1.01 -0.62 -30.83
C GLN A 1066 2.03 -1.16 -31.84
N GLY A 1067 3.26 -1.42 -31.41
CA GLY A 1067 4.26 -1.97 -32.30
C GLY A 1067 4.91 -0.97 -33.24
N LEU A 1068 4.57 0.32 -33.12
CA LEU A 1068 5.15 1.32 -34.00
C LEU A 1068 6.58 1.70 -33.63
N LEU A 1069 7.04 1.33 -32.43
CA LEU A 1069 8.44 1.51 -32.04
C LEU A 1069 9.00 0.18 -31.57
N HIS A 1070 10.27 -0.06 -31.86
CA HIS A 1070 10.97 -1.28 -31.47
C HIS A 1070 12.17 -0.93 -30.62
N GLU A 1071 12.33 -1.62 -29.49
CA GLU A 1071 13.46 -1.39 -28.61
C GLU A 1071 14.64 -2.27 -28.99
O6 42H B . -12.97 1.09 12.56
C8 42H B . -12.08 0.59 11.89
O5 42H B . -10.91 0.25 12.50
C7 42H B . -10.74 0.48 13.90
C 42H B . -9.38 1.15 14.27
C1 42H B . -8.21 0.63 13.37
O1 42H B . -7.12 1.48 13.40
P 42H B . -5.73 1.05 14.24
O4 42H B . -5.90 1.40 15.67
O3 42H B . -4.36 2.13 13.88
C2 42H B . -3.13 1.59 13.74
C3 42H B . -2.33 1.90 15.06
N 42H B . -0.99 1.14 15.15
C6 42H B . -1.23 -0.35 15.40
C5 42H B . -0.17 1.68 16.32
C4 42H B . -0.17 1.31 13.88
O2 42H B . -5.22 -0.20 13.63
O 42H B . -9.15 0.89 15.61
C9 42H B . -12.20 0.32 10.40
C10 42H B . -13.55 0.70 9.73
C11 42H B . -14.22 -0.38 8.82
C12 42H B . -15.78 -0.26 8.66
C13 42H B . -16.57 -1.58 8.38
C14 42H B . -17.04 -1.84 6.91
C15 42H B . -16.26 -2.93 6.13
C16 42H B . -17.02 -4.08 5.53
C17 42H B . -17.10 -4.51 4.26
C18 42H B . -16.44 -3.99 3.02
C19 42H B . -17.31 -3.86 1.73
C20 42H B . -18.60 -4.74 1.75
C21 42H B . -19.74 -4.26 0.84
C22 42H B . -20.08 -5.21 -0.34
C23 42H B . -20.76 -4.54 -1.56
C24 42H B . -20.97 -3.02 -1.41
C25 42H B . -21.43 -2.34 -2.69
#